data_1EI2
#
_entry.id   1EI2
#
_cell.length_a   1.000
_cell.length_b   1.000
_cell.length_c   1.000
_cell.angle_alpha   90.00
_cell.angle_beta   90.00
_cell.angle_gamma   90.00
#
_symmetry.space_group_name_H-M   'P 1'
#
loop_
_entity.id
_entity.type
_entity.pdbx_description
1 polymer 'TAU EXON 10 SRE RNA'
2 non-polymer NEOMYCIN
#
_entity_poly.entity_id   1
_entity_poly.type   'polyribonucleotide'
_entity_poly.pdbx_seq_one_letter_code
;GGCAGUGUGAGUACCUUCACACGUC
;
_entity_poly.pdbx_strand_id   A
#